data_7P1B
#
_entry.id   7P1B
#
_cell.length_a   61.441
_cell.length_b   67.280
_cell.length_c   93.439
_cell.angle_alpha   90.000
_cell.angle_beta   90.000
_cell.angle_gamma   90.000
#
_symmetry.space_group_name_H-M   'P 21 2 21'
#
loop_
_entity.id
_entity.type
_entity.pdbx_description
1 polymer 'Sialidase domain-containing protein'
2 water water
#
_entity_poly.entity_id   1
_entity_poly.type   'polypeptide(L)'
_entity_poly.pdbx_seq_one_letter_code
;MGSSHHHHHHSSGLVPRGSHMASNVNDPAKDATPYHVEFPLFRSANMASADKLSTGVGFHSFRIPAVVRTTTGRILAFAE
GRRHDNRDFGDINLVYKRTKTTSDNGATLSDWESLREVVGSGDGTWGNPTPVVD(SNN)GTIYLFLSWNNGSYSQKGGDE
LPDGTITKKIDTTWYGRRHLYLTTSTDDGNTWSKPQDLTKELTPDGWSWDAVGPGNGIKLSSGELVVPAMGRNIVGRGTP
GQRTWSVQRLNGAGAEGTVCETPDGKLYRNDRPSKAGYRIVARGTLSDGFSDFASDSGLPDPACQGSVLKYNTDAPPRTI
FLNSASSDSRRQMRVRISYDADAAKYDYGRKLADAPVSGAGYEGGYSSMTKTADYKIGALVESDFFNDGTGGGSYRSIIW
RRFNLSWILNGPNN
;
_entity_poly.pdbx_strand_id   C
#
# COMPACT_ATOMS: atom_id res chain seq x y z
N ASP A 27 22.29 18.06 -2.57
CA ASP A 27 20.80 18.23 -2.55
C ASP A 27 20.37 19.55 -1.90
N PRO A 28 19.75 20.46 -2.67
CA PRO A 28 19.29 21.72 -2.06
C PRO A 28 18.22 21.50 -0.96
N ALA A 29 17.43 20.44 -1.06
CA ALA A 29 16.38 20.15 -0.07
C ALA A 29 16.89 20.06 1.38
N LYS A 30 18.18 19.76 1.56
CA LYS A 30 18.77 19.71 2.90
C LYS A 30 18.77 21.07 3.62
N ASP A 31 18.79 22.15 2.83
CA ASP A 31 18.83 23.52 3.35
C ASP A 31 17.55 23.96 4.03
N ALA A 32 16.44 23.26 3.77
CA ALA A 32 15.18 23.59 4.42
C ALA A 32 15.17 23.09 5.85
N THR A 33 14.44 23.79 6.72
CA THR A 33 14.25 23.32 8.07
C THR A 33 13.57 21.95 8.04
N PRO A 34 14.07 20.98 8.82
CA PRO A 34 13.40 19.69 8.95
C PRO A 34 11.96 19.84 9.41
N TYR A 35 11.06 19.04 8.81
CA TYR A 35 9.65 19.06 9.22
C TYR A 35 9.16 17.62 9.34
N HIS A 36 8.38 17.35 10.39
CA HIS A 36 7.74 16.05 10.56
C HIS A 36 6.58 16.14 11.56
N VAL A 37 5.45 15.52 11.19
CA VAL A 37 4.34 15.28 12.11
C VAL A 37 3.91 13.82 11.96
N GLU A 38 3.35 13.26 13.03
CA GLU A 38 2.94 11.88 13.03
C GLU A 38 1.84 11.69 14.04
N PHE A 39 0.79 11.00 13.64
CA PHE A 39 -0.28 10.63 14.55
C PHE A 39 -1.07 9.43 14.04
N PRO A 40 -1.77 8.72 14.93
CA PRO A 40 -2.62 7.62 14.52
C PRO A 40 -3.83 8.08 13.72
N LEU A 41 -4.05 7.43 12.59
CA LEU A 41 -5.14 7.82 11.70
C LEU A 41 -6.20 6.76 11.64
N PHE A 42 -5.80 5.50 11.72
CA PHE A 42 -6.76 4.41 11.85
C PHE A 42 -6.55 3.76 13.21
N ARG A 43 -7.51 3.97 14.11
CA ARG A 43 -7.38 3.61 15.51
C ARG A 43 -8.18 2.35 15.83
N SER A 44 -7.47 1.34 16.33
CA SER A 44 -8.05 0.02 16.63
C SER A 44 -9.03 0.10 17.81
N ALA A 45 -9.76 -0.99 18.02
CA ALA A 45 -10.91 -1.01 18.95
C ALA A 45 -10.50 -0.65 20.39
N ASN A 46 -9.26 -0.94 20.74
CA ASN A 46 -8.76 -0.73 22.10
C ASN A 46 -8.42 0.74 22.41
N MET A 47 -8.45 1.60 21.39
CA MET A 47 -7.99 2.97 21.52
C MET A 47 -9.16 3.88 21.82
N ALA A 48 -8.89 4.98 22.50
CA ALA A 48 -9.85 6.05 22.59
C ALA A 48 -10.04 6.59 21.17
N SER A 49 -11.27 6.93 20.82
CA SER A 49 -11.57 7.41 19.48
C SER A 49 -11.35 6.33 18.43
N ALA A 50 -11.46 5.06 18.84
CA ALA A 50 -11.51 3.92 17.93
C ALA A 50 -12.39 4.26 16.75
N ASP A 51 -11.87 4.03 15.54
CA ASP A 51 -12.61 4.37 14.35
C ASP A 51 -13.72 3.37 14.05
N LYS A 52 -14.93 3.90 13.84
CA LYS A 52 -16.09 3.12 13.46
C LYS A 52 -16.80 3.80 12.31
N LEU A 53 -17.55 3.03 11.53
CA LEU A 53 -18.42 3.56 10.50
C LEU A 53 -19.62 4.29 11.11
N SER A 54 -20.26 5.14 10.34
CA SER A 54 -21.43 5.89 10.83
C SER A 54 -22.59 4.95 11.23
N THR A 55 -22.59 3.74 10.68
CA THR A 55 -23.61 2.73 11.04
C THR A 55 -23.45 2.19 12.47
N GLY A 56 -22.30 2.43 13.10
CA GLY A 56 -21.96 1.86 14.39
C GLY A 56 -21.07 0.63 14.32
N VAL A 57 -20.81 0.14 13.11
CA VAL A 57 -19.90 -0.99 12.93
C VAL A 57 -18.45 -0.59 13.20
N GLY A 58 -17.80 -1.33 14.10
CA GLY A 58 -16.40 -1.09 14.49
C GLY A 58 -15.47 -2.20 14.02
N PHE A 59 -14.18 -2.01 14.28
CA PHE A 59 -13.14 -2.89 13.84
C PHE A 59 -12.11 -3.13 14.93
N HIS A 60 -11.81 -4.40 15.12
CA HIS A 60 -10.75 -4.78 16.01
C HIS A 60 -9.45 -4.13 15.55
N SER A 61 -9.18 -4.22 14.26
CA SER A 61 -7.88 -3.89 13.70
C SER A 61 -7.96 -3.24 12.32
N PHE A 62 -6.94 -2.44 12.01
CA PHE A 62 -6.77 -1.86 10.67
C PHE A 62 -5.41 -2.22 10.19
N ARG A 63 -5.36 -2.80 8.99
CA ARG A 63 -4.09 -3.17 8.37
C ARG A 63 -4.09 -2.80 6.87
N ILE A 64 -2.91 -2.91 6.27
CA ILE A 64 -2.76 -2.89 4.82
C ILE A 64 -3.12 -1.50 4.26
N PRO A 65 -2.28 -0.48 4.53
CA PRO A 65 -2.55 0.89 4.14
C PRO A 65 -2.29 1.15 2.67
N ALA A 66 -2.98 2.15 2.13
CA ALA A 66 -2.74 2.65 0.79
C ALA A 66 -3.10 4.10 0.81
N VAL A 67 -2.28 4.94 0.20
CA VAL A 67 -2.56 6.36 0.18
C VAL A 67 -2.23 7.00 -1.16
N VAL A 68 -3.10 7.93 -1.58
CA VAL A 68 -2.85 8.69 -2.80
C VAL A 68 -3.33 10.11 -2.62
N ARG A 69 -2.60 11.01 -3.26
CA ARG A 69 -3.00 12.38 -3.38
C ARG A 69 -3.72 12.50 -4.73
N THR A 70 -4.91 13.08 -4.73
CA THR A 70 -5.68 13.23 -5.97
C THR A 70 -5.23 14.50 -6.65
N THR A 71 -5.72 14.72 -7.87
CA THR A 71 -5.31 15.90 -8.62
C THR A 71 -5.83 17.20 -8.00
N THR A 72 -6.80 17.13 -7.09
CA THR A 72 -7.29 18.35 -6.42
C THR A 72 -6.41 18.72 -5.24
N GLY A 73 -5.61 17.75 -4.77
CA GLY A 73 -4.83 17.93 -3.58
C GLY A 73 -5.40 17.19 -2.38
N ARG A 74 -6.63 16.68 -2.51
CA ARG A 74 -7.22 15.88 -1.46
C ARG A 74 -6.39 14.60 -1.28
N ILE A 75 -6.26 14.12 -0.06
CA ILE A 75 -5.60 12.85 0.19
C ILE A 75 -6.64 11.79 0.58
N LEU A 76 -6.54 10.59 -0.01
CA LEU A 76 -7.38 9.45 0.27
C LEU A 76 -6.52 8.36 0.89
N ALA A 77 -6.90 7.92 2.08
CA ALA A 77 -6.18 6.91 2.84
C ALA A 77 -7.08 5.69 2.94
N PHE A 78 -6.58 4.54 2.50
CA PHE A 78 -7.35 3.31 2.48
C PHE A 78 -6.74 2.30 3.45
N ALA A 79 -7.56 1.40 3.95
CA ALA A 79 -7.09 0.30 4.79
C ALA A 79 -8.07 -0.85 4.78
N GLU A 80 -7.57 -1.99 5.23
CA GLU A 80 -8.40 -3.12 5.56
C GLU A 80 -8.94 -2.99 6.99
N GLY A 81 -10.27 -2.96 7.08
CA GLY A 81 -10.98 -3.00 8.35
C GLY A 81 -11.26 -4.44 8.72
N ARG A 82 -10.46 -4.94 9.65
CA ARG A 82 -10.55 -6.34 10.08
C ARG A 82 -11.44 -6.39 11.31
N ARG A 83 -12.64 -6.89 11.09
CA ARG A 83 -13.75 -6.73 12.02
C ARG A 83 -13.53 -7.37 13.40
N HIS A 84 -13.21 -8.65 13.42
CA HIS A 84 -13.18 -9.43 14.68
C HIS A 84 -11.80 -9.73 15.28
N ASP A 85 -10.76 -9.68 14.45
CA ASP A 85 -9.41 -9.94 14.92
C ASP A 85 -8.44 -9.41 13.86
N ASN A 86 -7.15 -9.63 14.04
CA ASN A 86 -6.16 -9.03 13.11
C ASN A 86 -5.77 -9.91 11.90
N ARG A 87 -6.37 -11.08 11.77
CA ARG A 87 -5.95 -12.05 10.77
C ARG A 87 -6.38 -11.67 9.35
N ASP A 88 -5.66 -12.23 8.37
CA ASP A 88 -5.83 -11.90 6.94
C ASP A 88 -7.14 -12.38 6.27
N PHE A 89 -7.94 -13.16 6.98
CA PHE A 89 -9.13 -13.80 6.44
C PHE A 89 -10.33 -13.54 7.34
N GLY A 90 -11.50 -13.96 6.86
CA GLY A 90 -12.76 -13.74 7.57
C GLY A 90 -13.39 -12.43 7.10
N ASP A 91 -14.15 -11.78 7.99
CA ASP A 91 -14.89 -10.57 7.67
C ASP A 91 -13.97 -9.34 7.69
N ILE A 92 -13.65 -8.87 6.49
CA ILE A 92 -12.76 -7.71 6.32
C ILE A 92 -13.38 -6.78 5.29
N ASN A 93 -13.54 -5.53 5.70
CA ASN A 93 -14.13 -4.52 4.84
C ASN A 93 -13.04 -3.57 4.35
N LEU A 94 -13.23 -2.95 3.19
CA LEU A 94 -12.27 -1.97 2.68
C LEU A 94 -12.76 -0.58 3.11
N VAL A 95 -11.98 0.08 3.97
CA VAL A 95 -12.39 1.34 4.59
C VAL A 95 -11.47 2.45 4.15
N TYR A 96 -11.86 3.69 4.40
CA TYR A 96 -11.05 4.83 3.97
C TYR A 96 -11.39 6.09 4.72
N LYS A 97 -10.46 7.05 4.65
CA LYS A 97 -10.69 8.40 5.11
C LYS A 97 -10.17 9.35 4.02
N ARG A 98 -10.81 10.50 3.87
CA ARG A 98 -10.32 11.54 3.00
C ARG A 98 -9.98 12.71 3.85
N THR A 99 -9.08 13.57 3.39
CA THR A 99 -8.95 14.89 3.98
C THR A 99 -10.25 15.69 3.79
N LYS A 100 -10.59 16.53 4.75
CA LYS A 100 -11.82 17.32 4.68
C LYS A 100 -11.82 18.28 3.54
N THR A 101 -10.66 18.82 3.23
CA THR A 101 -10.56 19.79 2.16
C THR A 101 -9.50 19.33 1.17
N THR A 102 -9.39 20.07 0.08
CA THR A 102 -8.42 19.71 -0.96
C THR A 102 -7.07 20.34 -0.67
N SER A 103 -6.97 21.19 0.36
CA SER A 103 -5.78 22.00 0.53
C SER A 103 -5.17 21.92 1.93
N ASP A 104 -5.67 21.02 2.77
CA ASP A 104 -5.14 20.90 4.12
C ASP A 104 -3.98 19.92 4.26
N ASN A 105 -3.80 19.08 3.25
CA ASN A 105 -2.65 18.18 3.18
C ASN A 105 -2.55 17.20 4.33
N GLY A 106 -3.69 16.97 5.01
CA GLY A 106 -3.72 16.05 6.10
C GLY A 106 -2.82 16.43 7.26
N ALA A 107 -2.57 17.72 7.45
CA ALA A 107 -1.49 18.20 8.34
C ALA A 107 -1.75 17.92 9.82
N THR A 108 -3.04 17.85 10.21
CA THR A 108 -3.44 17.59 11.60
C THR A 108 -4.57 16.57 11.62
N LEU A 109 -4.78 15.94 12.77
CA LEU A 109 -5.88 14.98 12.92
C LEU A 109 -7.24 15.56 12.53
N SER A 110 -7.48 16.82 12.86
CA SER A 110 -8.74 17.51 12.55
C SER A 110 -8.96 17.78 11.05
N ASP A 111 -7.94 17.59 10.23
CA ASP A 111 -8.07 17.70 8.79
C ASP A 111 -8.61 16.45 8.09
N TRP A 112 -8.89 15.40 8.86
CA TRP A 112 -9.33 14.11 8.29
C TRP A 112 -10.81 13.84 8.59
N GLU A 113 -11.55 13.43 7.57
CA GLU A 113 -12.95 13.00 7.75
C GLU A 113 -13.02 11.73 8.60
N SER A 114 -14.21 11.45 9.08
CA SER A 114 -14.47 10.19 9.73
C SER A 114 -14.44 9.00 8.77
N LEU A 115 -14.27 7.84 9.37
CA LEU A 115 -14.20 6.56 8.65
C LEU A 115 -15.38 6.30 7.76
N ARG A 116 -15.10 5.90 6.52
CA ARG A 116 -16.09 5.45 5.55
C ARG A 116 -15.71 4.10 4.97
N GLU A 117 -16.63 3.52 4.22
CA GLU A 117 -16.45 2.20 3.63
C GLU A 117 -16.52 2.29 2.14
N VAL A 118 -15.57 1.65 1.46
CA VAL A 118 -15.65 1.50 0.01
C VAL A 118 -16.57 0.32 -0.32
N VAL A 119 -16.28 -0.83 0.30
CA VAL A 119 -17.06 -2.05 0.11
C VAL A 119 -16.87 -2.94 1.34
N GLY A 120 -17.95 -3.57 1.78
CA GLY A 120 -17.84 -4.55 2.87
C GLY A 120 -18.95 -5.58 2.84
N SER A 121 -19.51 -5.80 1.65
CA SER A 121 -20.68 -6.66 1.47
C SER A 121 -20.31 -8.13 1.62
N GLY A 122 -21.26 -8.91 2.13
CA GLY A 122 -20.99 -10.30 2.49
C GLY A 122 -20.05 -10.36 3.67
N ASP A 123 -19.72 -11.58 4.09
CA ASP A 123 -18.74 -11.78 5.17
C ASP A 123 -17.38 -12.18 4.60
N GLY A 124 -17.12 -11.76 3.36
CA GLY A 124 -15.90 -12.11 2.66
C GLY A 124 -14.75 -11.21 3.05
N THR A 125 -13.59 -11.48 2.46
CA THR A 125 -12.42 -10.65 2.65
C THR A 125 -12.23 -9.70 1.47
N TRP A 126 -12.32 -8.41 1.73
CA TRP A 126 -12.03 -7.37 0.75
C TRP A 126 -10.76 -6.68 1.20
N GLY A 127 -9.67 -6.77 0.44
CA GLY A 127 -8.43 -6.14 0.86
C GLY A 127 -7.49 -5.79 -0.26
N ASN A 128 -6.21 -5.67 0.10
CA ASN A 128 -5.16 -5.26 -0.83
C ASN A 128 -5.45 -3.98 -1.62
N PRO A 129 -5.78 -2.88 -0.92
CA PRO A 129 -6.06 -1.69 -1.67
C PRO A 129 -4.87 -1.25 -2.49
N THR A 130 -5.12 -1.04 -3.78
CA THR A 130 -4.07 -0.58 -4.69
C THR A 130 -4.64 0.49 -5.62
N PRO A 131 -4.65 1.73 -5.15
CA PRO A 131 -5.16 2.82 -5.97
C PRO A 131 -4.17 3.41 -6.96
N VAL A 132 -4.71 3.96 -8.04
CA VAL A 132 -3.94 4.83 -8.92
C VAL A 132 -4.83 5.97 -9.41
N VAL A 133 -4.29 7.19 -9.41
CA VAL A 133 -4.99 8.37 -9.87
C VAL A 133 -4.72 8.61 -11.37
N ASP A 134 -5.80 8.90 -12.10
CA ASP A 134 -5.76 9.20 -13.55
C ASP A 134 -6.71 10.39 -13.80
N1 SNN A 135 -9.18 12.94 -13.33
C SNN A 135 -7.97 12.82 -12.85
CA SNN A 135 -6.98 12.81 -13.98
N SNN A 135 -6.17 11.63 -13.84
C4 SNN A 135 -7.85 12.86 -15.24
C5 SNN A 135 -9.24 12.91 -14.67
O SNN A 135 -7.70 12.62 -11.67
O5 SNN A 135 -10.26 12.93 -15.33
CA GLY A 136 -10.38 12.94 -12.47
C GLY A 136 -10.96 11.64 -11.93
N THR A 137 -10.29 10.53 -12.21
CA THR A 137 -10.73 9.25 -11.77
C THR A 137 -9.70 8.64 -10.83
N ILE A 138 -10.17 8.06 -9.74
N ILE A 138 -10.17 8.06 -9.74
CA ILE A 138 -9.32 7.22 -8.92
CA ILE A 138 -9.32 7.20 -8.93
C ILE A 138 -9.72 5.78 -9.15
C ILE A 138 -9.73 5.77 -9.21
N TYR A 139 -8.77 4.96 -9.60
CA TYR A 139 -9.00 3.55 -9.81
C TYR A 139 -8.48 2.84 -8.58
N LEU A 140 -9.32 2.03 -7.96
CA LEU A 140 -8.89 1.27 -6.79
C LEU A 140 -9.02 -0.23 -7.10
N PHE A 141 -7.86 -0.88 -7.28
CA PHE A 141 -7.82 -2.32 -7.40
C PHE A 141 -7.86 -2.97 -6.02
N LEU A 142 -8.51 -4.12 -5.93
CA LEU A 142 -8.69 -4.86 -4.69
C LEU A 142 -8.58 -6.34 -4.95
N SER A 143 -8.24 -7.08 -3.90
CA SER A 143 -8.39 -8.53 -3.90
C SER A 143 -9.57 -8.93 -3.05
N TRP A 144 -10.15 -10.08 -3.38
CA TRP A 144 -11.27 -10.64 -2.66
C TRP A 144 -11.15 -12.15 -2.54
N ASN A 145 -11.62 -12.70 -1.42
CA ASN A 145 -11.92 -14.13 -1.34
C ASN A 145 -13.15 -14.40 -0.49
N ASN A 146 -13.80 -15.54 -0.73
CA ASN A 146 -14.93 -15.97 0.07
C ASN A 146 -14.54 -16.09 1.55
N GLY A 147 -15.49 -15.78 2.44
CA GLY A 147 -15.22 -15.70 3.87
C GLY A 147 -14.91 -17.00 4.60
N SER A 148 -15.13 -18.14 3.95
CA SER A 148 -14.82 -19.42 4.58
C SER A 148 -13.61 -20.11 3.92
N TYR A 149 -12.79 -19.31 3.22
CA TYR A 149 -11.49 -19.73 2.72
C TYR A 149 -10.38 -18.86 3.31
N SER A 150 -9.17 -19.43 3.41
CA SER A 150 -7.99 -18.72 3.85
C SER A 150 -6.76 -19.22 3.09
N GLN A 151 -5.67 -18.46 3.14
CA GLN A 151 -4.47 -18.78 2.35
C GLN A 151 -3.94 -20.18 2.67
N LYS A 152 -3.87 -20.51 3.96
CA LYS A 152 -3.41 -21.83 4.43
C LYS A 152 -4.54 -22.85 4.51
N GLY A 153 -5.73 -22.36 4.83
CA GLY A 153 -6.83 -23.25 5.18
C GLY A 153 -6.60 -23.79 6.59
N GLY A 154 -7.64 -24.37 7.16
CA GLY A 154 -7.55 -24.93 8.50
C GLY A 154 -7.64 -23.94 9.64
N ASP A 155 -8.03 -22.70 9.33
CA ASP A 155 -8.12 -21.66 10.34
C ASP A 155 -9.53 -21.61 10.91
N GLU A 156 -9.65 -21.28 12.18
CA GLU A 156 -10.92 -21.21 12.88
C GLU A 156 -11.51 -19.79 12.93
N LEU A 157 -12.68 -19.62 12.32
CA LEU A 157 -13.40 -18.34 12.34
C LEU A 157 -14.06 -18.13 13.70
N PRO A 158 -14.40 -16.86 14.04
CA PRO A 158 -15.02 -16.54 15.34
C PRO A 158 -16.28 -17.35 15.66
N ASP A 159 -17.05 -17.72 14.63
CA ASP A 159 -18.26 -18.54 14.79
C ASP A 159 -17.99 -20.06 14.85
N GLY A 160 -16.73 -20.47 15.02
CA GLY A 160 -16.38 -21.88 15.18
C GLY A 160 -15.97 -22.60 13.92
N THR A 161 -16.55 -22.22 12.78
CA THR A 161 -16.28 -22.86 11.48
C THR A 161 -14.80 -22.84 11.11
N ILE A 162 -14.34 -23.89 10.44
CA ILE A 162 -12.96 -24.03 10.00
C ILE A 162 -12.83 -23.73 8.50
N THR A 163 -11.81 -22.95 8.13
CA THR A 163 -11.67 -22.50 6.73
C THR A 163 -11.12 -23.56 5.80
N LYS A 164 -11.53 -23.48 4.55
CA LYS A 164 -10.94 -24.27 3.50
C LYS A 164 -9.79 -23.50 2.86
N LYS A 165 -8.85 -24.23 2.30
CA LYS A 165 -7.71 -23.61 1.67
C LYS A 165 -8.12 -22.98 0.34
N ILE A 166 -7.61 -21.77 0.07
CA ILE A 166 -7.84 -21.11 -1.21
C ILE A 166 -7.42 -22.06 -2.32
N ASP A 167 -8.26 -22.22 -3.33
CA ASP A 167 -7.93 -23.13 -4.42
C ASP A 167 -8.16 -22.49 -5.79
N THR A 168 -8.16 -23.31 -6.86
CA THR A 168 -8.24 -22.80 -8.23
C THR A 168 -9.66 -22.63 -8.77
N THR A 169 -10.66 -23.10 -8.02
CA THR A 169 -12.07 -22.97 -8.44
C THR A 169 -12.55 -21.52 -8.37
N TRP A 170 -13.53 -21.17 -9.18
CA TRP A 170 -14.08 -19.81 -9.20
C TRP A 170 -14.52 -19.36 -7.80
N TYR A 171 -15.14 -20.29 -7.09
CA TYR A 171 -15.68 -20.05 -5.76
C TYR A 171 -14.57 -19.84 -4.72
N GLY A 172 -13.54 -20.68 -4.79
CA GLY A 172 -12.49 -20.72 -3.75
C GLY A 172 -11.19 -20.00 -4.06
N ARG A 173 -11.13 -19.33 -5.20
CA ARG A 173 -9.93 -18.61 -5.60
C ARG A 173 -9.95 -17.16 -5.14
N ARG A 174 -8.78 -16.53 -5.19
CA ARG A 174 -8.66 -15.09 -4.95
C ARG A 174 -9.01 -14.33 -6.24
N HIS A 175 -9.91 -13.35 -6.08
CA HIS A 175 -10.41 -12.56 -7.18
C HIS A 175 -9.77 -11.18 -7.21
N LEU A 176 -9.91 -10.51 -8.34
CA LEU A 176 -9.37 -9.19 -8.54
C LEU A 176 -10.54 -8.31 -8.90
N TYR A 177 -10.75 -7.25 -8.11
CA TYR A 177 -11.81 -6.28 -8.33
C TYR A 177 -11.29 -4.90 -8.62
N LEU A 178 -12.14 -4.10 -9.28
CA LEU A 178 -11.87 -2.70 -9.53
C LEU A 178 -13.10 -1.88 -9.16
N THR A 179 -12.87 -0.83 -8.39
CA THR A 179 -13.88 0.20 -8.12
C THR A 179 -13.27 1.55 -8.47
N THR A 180 -14.13 2.49 -8.84
CA THR A 180 -13.66 3.76 -9.35
C THR A 180 -14.42 4.85 -8.65
N SER A 181 -13.75 5.98 -8.47
CA SER A 181 -14.44 7.19 -8.01
C SER A 181 -14.13 8.30 -9.00
N THR A 182 -15.16 9.07 -9.37
CA THR A 182 -15.00 10.26 -10.19
C THR A 182 -15.39 11.54 -9.47
N ASP A 183 -15.54 11.46 -8.16
CA ASP A 183 -15.90 12.62 -7.34
C ASP A 183 -14.93 12.74 -6.17
N ASP A 184 -13.67 12.58 -6.47
CA ASP A 184 -12.61 12.84 -5.52
C ASP A 184 -12.72 11.93 -4.29
N GLY A 185 -13.17 10.70 -4.49
CA GLY A 185 -13.28 9.73 -3.42
C GLY A 185 -14.53 9.76 -2.58
N ASN A 186 -15.50 10.58 -2.96
CA ASN A 186 -16.66 10.73 -2.16
C ASN A 186 -17.55 9.50 -2.28
N THR A 187 -17.66 8.99 -3.50
CA THR A 187 -18.47 7.80 -3.78
C THR A 187 -17.68 6.86 -4.69
N TRP A 188 -18.01 5.59 -4.61
CA TRP A 188 -17.27 4.52 -5.26
C TRP A 188 -18.20 3.63 -6.05
N SER A 189 -17.79 3.22 -7.25
CA SER A 189 -18.64 2.36 -8.06
C SER A 189 -18.76 0.97 -7.44
N LYS A 190 -19.84 0.27 -7.75
CA LYS A 190 -19.99 -1.14 -7.40
C LYS A 190 -18.75 -1.90 -7.93
N PRO A 191 -17.99 -2.58 -7.05
CA PRO A 191 -16.77 -3.24 -7.55
C PRO A 191 -17.03 -4.23 -8.68
N GLN A 192 -16.19 -4.16 -9.71
CA GLN A 192 -16.31 -4.98 -10.89
C GLN A 192 -15.27 -6.10 -10.79
N ASP A 193 -15.72 -7.35 -10.90
CA ASP A 193 -14.80 -8.49 -10.92
C ASP A 193 -14.04 -8.61 -12.23
N LEU A 194 -12.72 -8.44 -12.19
CA LEU A 194 -11.91 -8.46 -13.38
C LEU A 194 -10.95 -9.66 -13.42
N THR A 195 -11.26 -10.68 -12.63
CA THR A 195 -10.39 -11.85 -12.43
C THR A 195 -10.11 -12.59 -13.74
N LYS A 196 -11.18 -12.90 -14.47
CA LYS A 196 -11.07 -13.65 -15.72
C LYS A 196 -10.23 -12.89 -16.71
N GLU A 197 -10.35 -11.57 -16.70
CA GLU A 197 -9.60 -10.73 -17.62
C GLU A 197 -8.15 -10.48 -17.18
N LEU A 198 -7.90 -10.30 -15.88
CA LEU A 198 -6.62 -9.75 -15.42
C LEU A 198 -5.81 -10.66 -14.49
N THR A 199 -6.34 -11.84 -14.21
CA THR A 199 -5.61 -12.85 -13.46
C THR A 199 -5.53 -14.14 -14.31
N PRO A 200 -4.34 -14.73 -14.42
CA PRO A 200 -4.21 -15.96 -15.23
C PRO A 200 -5.17 -17.05 -14.78
N ASP A 201 -5.82 -17.73 -15.72
CA ASP A 201 -6.58 -18.95 -15.41
C ASP A 201 -5.69 -19.98 -14.69
N GLY A 202 -6.29 -20.71 -13.76
CA GLY A 202 -5.60 -21.73 -12.98
C GLY A 202 -4.91 -21.27 -11.72
N TRP A 203 -4.99 -19.97 -11.42
CA TRP A 203 -4.33 -19.46 -10.24
C TRP A 203 -5.25 -19.68 -9.05
N SER A 204 -4.66 -19.80 -7.86
CA SER A 204 -5.43 -19.96 -6.63
C SER A 204 -5.25 -18.65 -5.85
N TRP A 205 -4.16 -18.55 -5.10
CA TRP A 205 -3.82 -17.31 -4.42
C TRP A 205 -3.54 -16.25 -5.48
N ASP A 206 -3.85 -14.99 -5.13
CA ASP A 206 -3.47 -13.84 -5.93
C ASP A 206 -3.40 -12.65 -4.99
N ALA A 207 -2.69 -11.61 -5.44
CA ALA A 207 -2.65 -10.32 -4.72
C ALA A 207 -2.39 -9.18 -5.69
N VAL A 208 -2.99 -8.02 -5.42
CA VAL A 208 -2.65 -6.82 -6.13
C VAL A 208 -2.00 -5.90 -5.09
N GLY A 209 -0.98 -5.15 -5.49
CA GLY A 209 -0.25 -4.31 -4.53
C GLY A 209 0.17 -5.12 -3.31
N PRO A 210 -0.20 -4.70 -2.09
CA PRO A 210 -0.94 -3.47 -1.81
C PRO A 210 -0.07 -2.22 -1.81
N GLY A 211 -0.68 -1.07 -1.98
CA GLY A 211 -0.01 0.19 -1.85
C GLY A 211 -0.47 1.23 -2.84
N ASN A 212 0.10 1.18 -4.04
CA ASN A 212 -0.31 2.10 -5.11
C ASN A 212 0.15 1.60 -6.48
N GLY A 213 -0.58 2.09 -7.47
CA GLY A 213 -0.18 2.04 -8.87
C GLY A 213 0.36 3.40 -9.26
N ILE A 214 0.79 3.54 -10.51
CA ILE A 214 1.43 4.75 -11.00
C ILE A 214 0.92 5.12 -12.39
N LYS A 215 1.12 6.37 -12.74
CA LYS A 215 0.86 6.85 -14.10
C LYS A 215 2.19 7.26 -14.65
N LEU A 216 2.55 6.67 -15.81
CA LEU A 216 3.80 6.98 -16.48
C LEU A 216 3.73 8.33 -17.18
N SER A 217 4.91 8.91 -17.40
CA SER A 217 5.10 10.10 -18.24
C SER A 217 4.39 9.97 -19.58
N SER A 218 4.49 8.78 -20.19
CA SER A 218 3.83 8.50 -21.47
C SER A 218 2.31 8.24 -21.36
N GLY A 219 1.76 8.24 -20.14
CA GLY A 219 0.31 8.18 -19.92
C GLY A 219 -0.30 6.86 -19.52
N GLU A 220 0.45 5.77 -19.57
CA GLU A 220 -0.08 4.46 -19.21
C GLU A 220 -0.20 4.40 -17.68
N LEU A 221 -1.16 3.62 -17.24
CA LEU A 221 -1.29 3.28 -15.81
C LEU A 221 -0.66 1.93 -15.59
N VAL A 222 0.14 1.80 -14.53
CA VAL A 222 0.79 0.52 -14.22
C VAL A 222 0.49 0.17 -12.75
N VAL A 223 -0.16 -0.95 -12.54
CA VAL A 223 -0.53 -1.42 -11.20
C VAL A 223 0.20 -2.71 -10.90
N PRO A 224 0.98 -2.74 -9.80
CA PRO A 224 1.76 -3.93 -9.49
C PRO A 224 0.88 -5.01 -8.87
N ALA A 225 1.07 -6.25 -9.32
CA ALA A 225 0.34 -7.35 -8.80
C ALA A 225 1.26 -8.59 -8.77
N MET A 226 0.76 -9.66 -8.17
CA MET A 226 1.54 -10.90 -8.01
C MET A 226 1.95 -11.41 -9.40
N GLY A 227 3.24 -11.57 -9.58
CA GLY A 227 3.80 -12.09 -10.82
C GLY A 227 3.48 -11.34 -12.11
N ARG A 228 3.16 -10.06 -12.02
CA ARG A 228 2.71 -9.31 -13.22
C ARG A 228 2.42 -7.85 -12.93
N ASN A 229 2.41 -7.05 -14.01
CA ASN A 229 1.85 -5.71 -13.98
C ASN A 229 0.47 -5.73 -14.63
N ILE A 230 -0.44 -4.93 -14.08
CA ILE A 230 -1.74 -4.68 -14.68
C ILE A 230 -1.56 -3.32 -15.32
N VAL A 231 -1.84 -3.24 -16.63
CA VAL A 231 -1.48 -2.08 -17.42
C VAL A 231 -2.75 -1.51 -18.02
N GLY A 232 -2.95 -0.21 -17.82
CA GLY A 232 -4.08 0.54 -18.38
C GLY A 232 -3.57 1.44 -19.48
N ARG A 233 -3.87 1.06 -20.72
CA ARG A 233 -3.50 1.86 -21.86
C ARG A 233 -4.72 2.68 -22.31
N GLY A 234 -4.61 3.38 -23.43
CA GLY A 234 -5.66 4.27 -23.86
C GLY A 234 -5.41 5.64 -23.30
N THR A 235 -6.50 6.30 -22.88
CA THR A 235 -6.43 7.67 -22.39
C THR A 235 -7.40 7.84 -21.21
N PRO A 236 -7.28 8.95 -20.46
CA PRO A 236 -8.25 9.15 -19.39
C PRO A 236 -9.69 9.16 -19.92
N GLY A 237 -10.54 8.37 -19.29
CA GLY A 237 -11.93 8.21 -19.71
C GLY A 237 -12.18 7.04 -20.64
N GLN A 238 -11.11 6.48 -21.23
CA GLN A 238 -11.21 5.29 -22.08
C GLN A 238 -9.94 4.46 -21.87
N ARG A 239 -9.88 3.84 -20.70
CA ARG A 239 -8.75 3.01 -20.31
C ARG A 239 -9.07 1.56 -20.67
N THR A 240 -8.06 0.85 -21.19
CA THR A 240 -8.15 -0.58 -21.52
C THR A 240 -7.11 -1.34 -20.70
N TRP A 241 -7.57 -2.37 -20.00
CA TRP A 241 -6.71 -3.10 -19.04
C TRP A 241 -6.20 -4.42 -19.60
N SER A 242 -4.89 -4.66 -19.46
CA SER A 242 -4.28 -5.95 -19.81
C SER A 242 -3.15 -6.33 -18.82
N VAL A 243 -2.58 -7.52 -19.02
CA VAL A 243 -1.55 -8.09 -18.14
C VAL A 243 -0.17 -8.11 -18.80
N GLN A 244 0.85 -7.59 -18.11
CA GLN A 244 2.26 -7.82 -18.48
C GLN A 244 2.89 -8.80 -17.48
N ARG A 245 3.17 -10.02 -17.91
CA ARG A 245 3.69 -11.02 -16.98
CA ARG A 245 3.73 -11.07 -17.05
C ARG A 245 5.16 -10.79 -16.67
N LEU A 246 5.51 -11.15 -15.44
CA LEU A 246 6.83 -10.96 -14.93
C LEU A 246 7.28 -12.28 -14.31
N ASN A 247 8.34 -12.80 -14.90
CA ASN A 247 8.92 -14.06 -14.50
C ASN A 247 9.64 -13.82 -13.16
N GLY A 248 9.21 -14.55 -12.13
CA GLY A 248 9.87 -14.48 -10.82
C GLY A 248 9.60 -13.24 -9.99
N ALA A 249 8.52 -12.52 -10.30
CA ALA A 249 8.15 -11.36 -9.48
C ALA A 249 7.56 -11.86 -8.17
N GLY A 250 7.53 -11.00 -7.16
CA GLY A 250 6.91 -11.33 -5.90
C GLY A 250 5.39 -11.33 -5.93
N ALA A 251 4.82 -11.69 -4.79
CA ALA A 251 3.38 -11.66 -4.60
C ALA A 251 2.92 -10.25 -4.23
N GLU A 252 3.74 -9.55 -3.46
CA GLU A 252 3.46 -8.16 -3.06
C GLU A 252 4.49 -7.24 -3.65
N GLY A 253 4.09 -6.55 -4.72
CA GLY A 253 5.00 -5.75 -5.50
C GLY A 253 4.83 -4.25 -5.41
N THR A 254 5.88 -3.53 -5.72
CA THR A 254 5.84 -2.09 -5.85
C THR A 254 6.44 -1.72 -7.20
N VAL A 255 6.01 -0.59 -7.72
CA VAL A 255 6.42 -0.18 -9.06
C VAL A 255 6.62 1.32 -9.08
N CYS A 256 7.66 1.74 -9.78
CA CYS A 256 8.05 3.11 -9.86
C CYS A 256 8.54 3.33 -11.27
N GLU A 257 8.40 4.55 -11.77
CA GLU A 257 9.11 4.97 -12.97
C GLU A 257 10.39 5.64 -12.48
N THR A 258 11.55 5.08 -12.84
CA THR A 258 12.82 5.70 -12.49
C THR A 258 13.13 6.92 -13.35
N PRO A 259 14.10 7.77 -12.93
CA PRO A 259 14.48 8.96 -13.71
C PRO A 259 14.78 8.69 -15.19
N ASP A 260 15.39 7.54 -15.49
CA ASP A 260 15.72 7.16 -16.85
C ASP A 260 14.49 6.86 -17.72
N GLY A 261 13.31 6.74 -17.11
CA GLY A 261 12.06 6.53 -17.83
C GLY A 261 11.59 5.09 -17.89
N LYS A 262 12.41 4.17 -17.38
CA LYS A 262 12.08 2.76 -17.35
C LYS A 262 11.24 2.46 -16.11
N LEU A 263 10.72 1.25 -16.07
CA LEU A 263 9.98 0.76 -14.91
C LEU A 263 10.92 0.02 -13.96
N TYR A 264 10.59 0.11 -12.67
CA TYR A 264 11.39 -0.47 -11.60
C TYR A 264 10.42 -1.21 -10.68
N ARG A 265 10.48 -2.54 -10.68
CA ARG A 265 9.73 -3.36 -9.72
C ARG A 265 10.59 -3.62 -8.52
N ASN A 266 10.10 -3.27 -7.33
CA ASN A 266 10.79 -3.57 -6.07
C ASN A 266 9.81 -4.37 -5.18
N ASP A 267 10.03 -5.68 -5.08
CA ASP A 267 9.05 -6.59 -4.50
C ASP A 267 9.53 -7.23 -3.19
N ARG A 268 8.55 -7.66 -2.40
CA ARG A 268 8.78 -8.49 -1.22
C ARG A 268 9.32 -9.89 -1.62
N PRO A 269 10.37 -10.36 -0.93
CA PRO A 269 10.94 -11.66 -1.29
C PRO A 269 10.12 -12.79 -0.70
N SER A 270 10.25 -13.98 -1.26
CA SER A 270 9.54 -15.14 -0.74
C SER A 270 10.07 -15.60 0.63
N LYS A 271 11.35 -15.38 0.90
CA LYS A 271 11.94 -15.66 2.21
C LYS A 271 12.65 -14.42 2.72
N ALA A 272 12.67 -14.23 4.03
CA ALA A 272 13.35 -13.07 4.60
C ALA A 272 14.79 -12.94 4.10
N GLY A 273 15.21 -11.69 3.89
CA GLY A 273 16.58 -11.40 3.55
C GLY A 273 16.70 -10.03 2.94
N TYR A 274 16.29 -9.93 1.67
CA TYR A 274 16.46 -8.71 0.89
C TYR A 274 15.32 -8.54 -0.11
N ARG A 275 15.06 -7.30 -0.48
CA ARG A 275 14.08 -6.99 -1.52
C ARG A 275 14.58 -7.56 -2.83
N ILE A 276 13.65 -7.93 -3.71
CA ILE A 276 14.01 -8.37 -5.06
C ILE A 276 13.60 -7.33 -6.06
N VAL A 277 14.49 -7.07 -7.02
CA VAL A 277 14.36 -5.93 -7.92
C VAL A 277 14.47 -6.37 -9.38
N ALA A 278 13.76 -5.66 -10.24
CA ALA A 278 13.80 -5.89 -11.67
C ALA A 278 13.48 -4.57 -12.37
N ARG A 279 14.03 -4.38 -13.55
CA ARG A 279 13.81 -3.17 -14.33
C ARG A 279 13.41 -3.54 -15.75
N GLY A 280 12.68 -2.65 -16.40
CA GLY A 280 12.11 -2.94 -17.69
C GLY A 280 11.25 -1.82 -18.27
N THR A 281 10.53 -2.15 -19.33
CA THR A 281 9.58 -1.24 -19.95
C THR A 281 8.35 -2.05 -20.31
N LEU A 282 7.25 -1.37 -20.61
CA LEU A 282 6.04 -2.05 -21.04
C LEU A 282 6.18 -2.77 -22.38
N SER A 283 6.96 -2.19 -23.31
CA SER A 283 6.97 -2.70 -24.68
C SER A 283 7.83 -3.94 -24.81
N ASP A 284 8.94 -3.98 -24.08
CA ASP A 284 9.87 -5.11 -24.22
C ASP A 284 10.28 -5.75 -22.88
N GLY A 285 9.33 -5.83 -21.96
CA GLY A 285 9.49 -6.66 -20.75
C GLY A 285 10.56 -6.25 -19.76
N PHE A 286 10.77 -7.12 -18.78
CA PHE A 286 11.67 -6.87 -17.66
C PHE A 286 12.82 -7.86 -17.59
N SER A 287 13.97 -7.37 -17.15
CA SER A 287 15.10 -8.22 -16.78
C SER A 287 14.72 -8.97 -15.53
N ASP A 288 15.11 -10.24 -15.42
CA ASP A 288 14.72 -11.12 -14.29
C ASP A 288 14.94 -10.45 -12.91
N PHE A 289 14.35 -11.05 -11.87
CA PHE A 289 14.44 -10.52 -10.51
C PHE A 289 15.69 -10.99 -9.78
N ALA A 290 16.33 -10.08 -9.06
CA ALA A 290 17.50 -10.38 -8.24
C ALA A 290 17.49 -9.66 -6.89
N SER A 291 18.14 -10.26 -5.88
CA SER A 291 18.21 -9.68 -4.55
C SER A 291 19.04 -8.41 -4.56
N ASP A 292 18.52 -7.37 -3.92
CA ASP A 292 19.26 -6.12 -3.78
C ASP A 292 19.84 -6.07 -2.37
N SER A 293 21.17 -6.22 -2.27
CA SER A 293 21.85 -6.37 -0.99
C SER A 293 21.91 -5.06 -0.19
N GLY A 294 21.63 -3.94 -0.84
CA GLY A 294 21.50 -2.66 -0.16
C GLY A 294 20.18 -2.48 0.60
N LEU A 295 19.22 -3.39 0.39
CA LEU A 295 17.82 -3.25 0.91
C LEU A 295 17.38 -4.51 1.66
N PRO A 296 17.90 -4.68 2.89
CA PRO A 296 17.41 -5.80 3.65
C PRO A 296 15.91 -5.67 3.93
N ASP A 297 15.25 -6.82 4.03
CA ASP A 297 13.81 -6.90 4.22
C ASP A 297 13.45 -8.18 4.96
N PRO A 298 12.52 -8.11 5.92
CA PRO A 298 12.17 -9.31 6.67
C PRO A 298 11.07 -10.20 6.04
N ALA A 299 10.86 -10.09 4.71
CA ALA A 299 9.68 -10.66 4.03
C ALA A 299 8.42 -9.90 4.50
N CYS A 300 8.38 -8.64 4.12
CA CYS A 300 7.24 -7.77 4.40
C CYS A 300 7.05 -6.83 3.21
N GLN A 301 5.87 -6.26 3.12
CA GLN A 301 5.59 -5.27 2.10
C GLN A 301 6.45 -4.00 2.30
N GLY A 302 6.66 -3.26 1.21
CA GLY A 302 7.37 -1.98 1.23
C GLY A 302 6.63 -1.01 0.34
N SER A 303 7.16 0.20 0.23
CA SER A 303 6.61 1.20 -0.68
C SER A 303 7.71 2.00 -1.36
N VAL A 304 7.38 2.52 -2.55
CA VAL A 304 8.31 3.27 -3.36
C VAL A 304 7.52 4.42 -3.95
N LEU A 305 8.22 5.54 -4.14
CA LEU A 305 7.61 6.76 -4.65
C LEU A 305 8.56 7.51 -5.59
N LYS A 306 8.08 7.82 -6.80
CA LYS A 306 8.80 8.79 -7.67
C LYS A 306 8.53 10.18 -7.11
N TYR A 307 9.55 10.82 -6.59
CA TYR A 307 9.37 12.11 -5.95
C TYR A 307 9.46 13.25 -6.94
N ASN A 308 10.49 13.22 -7.79
CA ASN A 308 10.70 14.26 -8.80
C ASN A 308 11.63 13.81 -9.91
N THR A 309 11.65 14.59 -10.99
CA THR A 309 12.38 14.24 -12.20
C THR A 309 13.55 15.20 -12.56
N ASP A 310 13.40 16.51 -12.29
CA ASP A 310 14.49 17.47 -12.53
C ASP A 310 15.57 17.32 -11.45
N ALA A 311 16.75 17.87 -11.71
CA ALA A 311 17.91 17.65 -10.84
C ALA A 311 17.69 18.20 -9.43
N PRO A 312 18.10 17.46 -8.41
CA PRO A 312 18.57 16.07 -8.55
C PRO A 312 17.37 15.12 -8.51
N PRO A 313 17.33 14.12 -9.40
CA PRO A 313 16.13 13.28 -9.51
C PRO A 313 16.07 12.24 -8.39
N ARG A 314 14.90 12.09 -7.74
CA ARG A 314 14.81 11.30 -6.51
C ARG A 314 13.72 10.24 -6.53
N THR A 315 14.07 9.09 -5.98
CA THR A 315 13.18 7.97 -5.78
C THR A 315 13.19 7.69 -4.27
N ILE A 316 12.01 7.56 -3.67
CA ILE A 316 11.92 7.34 -2.23
C ILE A 316 11.52 5.90 -1.99
N PHE A 317 12.11 5.29 -0.96
CA PHE A 317 11.81 3.91 -0.62
C PHE A 317 11.64 3.78 0.89
N LEU A 318 10.65 2.99 1.27
CA LEU A 318 10.30 2.77 2.66
C LEU A 318 10.02 1.29 2.92
N ASN A 319 10.70 0.72 3.91
CA ASN A 319 10.41 -0.63 4.34
C ASN A 319 11.01 -0.80 5.73
N SER A 320 10.95 -2.01 6.27
CA SER A 320 11.69 -2.28 7.50
C SER A 320 13.10 -2.78 7.17
N ALA A 321 14.12 -1.97 7.48
CA ALA A 321 15.49 -2.21 6.99
C ALA A 321 16.19 -3.22 7.90
N SER A 322 15.72 -4.45 7.84
CA SER A 322 16.18 -5.55 8.70
C SER A 322 15.83 -6.85 8.03
N SER A 323 16.61 -7.90 8.28
CA SER A 323 16.30 -9.22 7.73
C SER A 323 15.41 -10.06 8.64
N ASP A 324 15.12 -9.58 9.85
CA ASP A 324 14.28 -10.38 10.76
C ASP A 324 13.17 -9.65 11.53
N SER A 325 13.12 -8.33 11.46
CA SER A 325 12.10 -7.59 12.20
C SER A 325 11.37 -6.59 11.29
N ARG A 326 10.10 -6.38 11.58
CA ARG A 326 9.32 -5.36 10.89
C ARG A 326 9.39 -4.01 11.60
N ARG A 327 10.11 -3.92 12.72
CA ARG A 327 10.15 -2.70 13.51
C ARG A 327 11.40 -1.87 13.27
N GLN A 328 11.89 -1.86 12.04
CA GLN A 328 13.08 -1.10 11.73
C GLN A 328 12.80 -0.17 10.56
N MET A 329 11.65 0.49 10.61
CA MET A 329 11.18 1.28 9.46
C MET A 329 12.21 2.35 9.08
N ARG A 330 12.54 2.41 7.79
CA ARG A 330 13.57 3.31 7.27
C ARG A 330 13.14 3.87 5.92
N VAL A 331 13.13 5.19 5.82
CA VAL A 331 12.87 5.88 4.57
C VAL A 331 14.20 6.35 3.94
N ARG A 332 14.32 6.12 2.63
CA ARG A 332 15.57 6.32 1.92
C ARG A 332 15.37 7.03 0.58
N ILE A 333 16.45 7.65 0.10
CA ILE A 333 16.47 8.39 -1.16
C ILE A 333 17.52 7.76 -2.06
N SER A 334 17.15 7.48 -3.30
CA SER A 334 18.11 7.16 -4.37
C SER A 334 18.13 8.26 -5.39
N TYR A 335 19.35 8.64 -5.79
CA TYR A 335 19.55 9.64 -6.83
C TYR A 335 19.87 9.02 -8.19
N ASP A 336 20.01 7.70 -8.23
CA ASP A 336 20.45 6.98 -9.45
C ASP A 336 19.37 6.99 -10.52
N ALA A 337 19.81 6.97 -11.77
CA ALA A 337 18.89 6.93 -12.91
C ALA A 337 18.06 5.65 -12.93
N ASP A 338 18.61 4.58 -12.38
CA ASP A 338 17.91 3.30 -12.34
C ASP A 338 17.54 2.88 -10.90
N ALA A 339 17.72 3.80 -9.95
CA ALA A 339 17.51 3.54 -8.53
C ALA A 339 18.30 2.33 -8.02
N ALA A 340 19.56 2.20 -8.45
CA ALA A 340 20.40 1.08 -8.02
C ALA A 340 20.80 1.19 -6.56
N LYS A 341 21.07 2.40 -6.08
CA LYS A 341 21.63 2.61 -4.75
C LYS A 341 20.89 3.68 -3.96
N TYR A 342 20.62 3.35 -2.69
CA TYR A 342 19.95 4.25 -1.75
C TYR A 342 20.90 4.72 -0.67
N ASP A 343 20.66 5.90 -0.11
CA ASP A 343 21.38 6.32 1.08
C ASP A 343 20.89 5.52 2.29
N TYR A 344 21.52 5.73 3.45
CA TYR A 344 21.08 5.12 4.68
C TYR A 344 19.64 5.58 4.98
N GLY A 345 19.39 6.87 4.80
CA GLY A 345 18.05 7.44 4.97
C GLY A 345 17.83 7.80 6.42
N ARG A 346 16.61 7.57 6.91
CA ARG A 346 16.28 7.83 8.30
C ARG A 346 15.32 6.80 8.89
N LYS A 347 15.56 6.49 10.16
CA LYS A 347 14.67 5.62 10.91
C LYS A 347 13.43 6.41 11.35
N LEU A 348 12.24 5.86 11.09
CA LEU A 348 11.01 6.51 11.55
C LEU A 348 10.92 6.53 13.09
N ALA A 349 11.67 5.65 13.74
CA ALA A 349 11.73 5.65 15.21
C ALA A 349 12.41 6.91 15.77
N ASP A 350 13.08 7.70 14.92
CA ASP A 350 13.60 9.00 15.34
C ASP A 350 12.50 10.00 15.69
N ALA A 351 11.29 9.75 15.21
CA ALA A 351 10.12 10.55 15.57
C ALA A 351 8.96 9.62 15.91
N PRO A 352 9.02 8.96 17.07
CA PRO A 352 8.04 7.94 17.42
C PRO A 352 6.70 8.51 17.81
N VAL A 353 5.66 7.71 17.61
CA VAL A 353 4.35 8.00 18.14
C VAL A 353 4.16 7.21 19.43
N SER A 354 3.46 7.78 20.39
CA SER A 354 3.08 7.09 21.64
C SER A 354 1.59 6.74 21.65
N GLY A 355 1.24 5.65 22.33
CA GLY A 355 -0.15 5.30 22.55
C GLY A 355 -0.83 4.54 21.42
N ALA A 356 -0.07 4.20 20.36
CA ALA A 356 -0.64 3.51 19.22
C ALA A 356 0.03 2.19 18.87
N GLY A 357 0.70 1.58 19.84
CA GLY A 357 1.42 0.32 19.59
C GLY A 357 2.86 0.53 19.16
N TYR A 358 3.48 -0.56 18.72
CA TYR A 358 4.85 -0.53 18.23
C TYR A 358 4.84 -0.46 16.71
N GLU A 359 5.41 0.61 16.20
CA GLU A 359 5.29 0.96 14.78
C GLU A 359 6.18 0.05 13.94
N GLY A 360 5.62 -0.45 12.84
CA GLY A 360 6.39 -1.23 11.89
C GLY A 360 5.53 -2.22 11.16
N GLY A 361 5.71 -2.33 9.84
CA GLY A 361 4.90 -3.25 9.03
C GLY A 361 4.75 -2.67 7.63
N TYR A 362 3.59 -2.93 7.04
CA TYR A 362 3.25 -2.42 5.72
C TYR A 362 3.20 -0.89 5.74
N SER A 363 3.42 -0.29 4.58
CA SER A 363 3.48 1.14 4.43
C SER A 363 2.98 1.57 3.06
N SER A 364 2.67 2.87 2.94
CA SER A 364 2.32 3.45 1.65
C SER A 364 2.73 4.90 1.69
N MET A 365 3.24 5.42 0.56
CA MET A 365 3.65 6.81 0.48
C MET A 365 3.01 7.53 -0.71
N THR A 366 2.82 8.82 -0.52
CA THR A 366 2.44 9.74 -1.60
C THR A 366 3.19 11.06 -1.41
N LYS A 367 3.21 11.89 -2.46
CA LYS A 367 3.73 13.22 -2.36
C LYS A 367 2.53 14.12 -2.14
N THR A 368 2.50 14.85 -1.03
CA THR A 368 1.43 15.83 -0.80
C THR A 368 1.54 17.06 -1.70
N ALA A 369 0.47 17.83 -1.80
CA ALA A 369 0.47 19.04 -2.63
C ALA A 369 1.32 20.15 -2.03
N ASP A 370 1.66 20.06 -0.75
CA ASP A 370 2.62 20.97 -0.09
C ASP A 370 4.04 20.36 0.00
N TYR A 371 4.38 19.50 -0.95
CA TYR A 371 5.75 19.02 -1.15
C TYR A 371 6.33 18.36 0.09
N LYS A 372 5.50 17.52 0.70
CA LYS A 372 5.95 16.63 1.73
C LYS A 372 5.75 15.22 1.24
N ILE A 373 6.38 14.30 1.96
CA ILE A 373 6.10 12.89 1.81
C ILE A 373 5.06 12.55 2.89
N GLY A 374 3.97 11.93 2.45
CA GLY A 374 2.91 11.50 3.34
C GLY A 374 2.94 10.00 3.35
N ALA A 375 3.08 9.41 4.54
CA ALA A 375 3.21 7.98 4.66
C ALA A 375 2.25 7.43 5.72
N LEU A 376 1.64 6.32 5.36
CA LEU A 376 0.87 5.46 6.28
C LEU A 376 1.75 4.31 6.66
N VAL A 377 1.79 3.97 7.95
CA VAL A 377 2.61 2.86 8.45
C VAL A 377 1.85 2.06 9.51
N GLU A 378 1.87 0.76 9.39
CA GLU A 378 1.23 -0.13 10.34
C GLU A 378 1.89 -0.05 11.69
N SER A 379 1.11 -0.31 12.72
CA SER A 379 1.60 -0.39 14.09
C SER A 379 0.81 -1.48 14.81
N ASP A 380 1.41 -2.07 15.84
CA ASP A 380 0.90 -3.31 16.44
C ASP A 380 1.05 -3.16 17.96
N PHE A 381 -0.05 -3.29 18.69
CA PHE A 381 0.02 -3.24 20.16
C PHE A 381 0.66 -4.50 20.75
N PHE A 382 0.56 -5.61 20.03
CA PHE A 382 1.28 -6.84 20.37
C PHE A 382 0.77 -7.43 21.69
N ASN A 383 -0.54 -7.33 21.94
CA ASN A 383 -1.10 -7.77 23.22
C ASN A 383 -1.47 -9.26 23.25
N ASP A 384 -1.58 -9.88 22.08
CA ASP A 384 -1.77 -11.34 21.97
C ASP A 384 -0.61 -11.92 21.14
N GLY A 385 0.57 -11.31 21.29
CA GLY A 385 1.73 -11.60 20.43
C GLY A 385 1.37 -11.62 18.93
N THR A 386 1.79 -12.70 18.27
CA THR A 386 1.49 -12.92 16.85
C THR A 386 0.08 -13.49 16.63
N GLY A 387 -0.68 -13.72 17.71
CA GLY A 387 -2.03 -14.26 17.62
C GLY A 387 -3.03 -13.23 17.10
N GLY A 388 -4.23 -13.72 16.80
CA GLY A 388 -5.31 -12.90 16.26
C GLY A 388 -5.88 -11.78 17.11
N GLY A 389 -5.59 -11.77 18.42
CA GLY A 389 -6.16 -10.79 19.33
C GLY A 389 -5.38 -9.50 19.46
N SER A 390 -4.21 -9.42 18.84
CA SER A 390 -3.34 -8.24 18.94
C SER A 390 -3.87 -7.07 18.12
N TYR A 391 -4.12 -5.93 18.77
CA TYR A 391 -4.73 -4.79 18.08
C TYR A 391 -3.75 -4.11 17.11
N ARG A 392 -4.24 -3.78 15.92
CA ARG A 392 -3.42 -3.20 14.88
C ARG A 392 -3.99 -1.84 14.46
N SER A 393 -3.11 -0.85 14.44
CA SER A 393 -3.47 0.51 14.09
C SER A 393 -2.63 1.00 12.91
N ILE A 394 -3.00 2.14 12.33
CA ILE A 394 -2.20 2.72 11.27
C ILE A 394 -1.90 4.16 11.56
N ILE A 395 -0.61 4.50 11.44
CA ILE A 395 -0.05 5.83 11.74
C ILE A 395 0.09 6.62 10.44
N TRP A 396 -0.23 7.91 10.46
CA TRP A 396 0.00 8.83 9.36
C TRP A 396 1.17 9.73 9.73
N ARG A 397 2.09 9.88 8.79
CA ARG A 397 3.27 10.73 8.95
C ARG A 397 3.38 11.67 7.77
N ARG A 398 3.83 12.90 8.04
CA ARG A 398 4.33 13.81 6.99
C ARG A 398 5.77 14.17 7.35
N PHE A 399 6.64 14.21 6.34
CA PHE A 399 7.97 14.77 6.53
C PHE A 399 8.50 15.31 5.22
N ASN A 400 9.43 16.25 5.31
CA ASN A 400 10.07 16.81 4.11
C ASN A 400 11.40 16.11 3.83
N LEU A 401 11.94 16.34 2.64
CA LEU A 401 13.21 15.70 2.30
C LEU A 401 14.29 16.02 3.34
N SER A 402 14.27 17.25 3.84
CA SER A 402 15.22 17.72 4.85
C SER A 402 15.27 16.82 6.06
N TRP A 403 14.10 16.40 6.52
CA TRP A 403 14.01 15.52 7.68
C TRP A 403 14.77 14.22 7.41
N ILE A 404 14.64 13.69 6.21
CA ILE A 404 15.36 12.46 5.83
C ILE A 404 16.86 12.75 5.77
N LEU A 405 17.22 13.84 5.10
CA LEU A 405 18.62 14.15 4.80
C LEU A 405 19.42 14.56 6.03
N ASN A 406 18.75 15.08 7.06
CA ASN A 406 19.43 15.54 8.28
C ASN A 406 19.34 14.49 9.40
N GLY A 407 19.14 13.23 9.03
CA GLY A 407 19.13 12.14 9.99
C GLY A 407 20.55 11.81 10.47
N PRO A 408 20.68 11.31 11.72
CA PRO A 408 21.93 10.90 12.35
C PRO A 408 22.96 10.24 11.43
N ASN A 409 22.60 9.15 10.77
CA ASN A 409 23.57 8.40 9.99
C ASN A 409 23.41 8.66 8.50
N ASN A 410 22.99 9.89 8.16
CA ASN A 410 22.80 10.33 6.76
C ASN A 410 21.44 9.85 6.21
#